data_1HWM
#
_entry.id   1HWM
#
_cell.length_a   57.330
_cell.length_b   97.690
_cell.length_c   113.960
_cell.angle_alpha   90.00
_cell.angle_beta   90.00
_cell.angle_gamma   90.00
#
_symmetry.space_group_name_H-M   'P 21 21 21'
#
loop_
_entity.id
_entity.type
_entity.pdbx_description
1 polymer EBULIN
2 polymer EBULIN
3 branched alpha-D-mannopyranose-(1-3)-[beta-D-mannopyranose-(1-6)]beta-D-mannopyranose-(1-4)-2-acetamido-2-deoxy-beta-D-glucopyranose-(1-4)-2-acetamido-2-deoxy-beta-D-glucopyranose
4 non-polymer beta-D-galactopyranose
5 water water
#
loop_
_entity_poly.entity_id
_entity_poly.type
_entity_poly.pdbx_seq_one_letter_code
_entity_poly.pdbx_strand_id
1 'polypeptide(L)'
;IDYPSVSFNLAGAKSTTYRDFLKNLRDRVATGTYEVNGLPVLRRESEVQVKNRFVLVRLTNYNGDTVTSAVDVTNLYLVA
FSANGNSYFFKDATELQKSNLFLGTTQHTLSFTGNYDNLETAAGTRRESIELGPNPLDGAITSLWYDGGVARSLLVLIQM
VPEAARFRYIEQEVRRSLQQLTSFTPNALMLSMENNWSSMSLEVQLSGDNVSPFSGTVQLQNYDHTPRLVDNFEELYKIT
GIAILLFRCVATKT
;
A
2 'polypeptide(L)'
;DGETCAIPAPFTRRIVGRDGLCVDVRNGYDTDGTPIQLWPCGTQRNQQWTFYNDKTIRSMGKCMTANGLNSGSYIMITDC
STAAEDATKWEVLIDGSIINPSSGLVMTAPSGASRTTLLLENNIHAASQGWTVSNDVQPIATLIVGYNEMCLQANGENNN
VWMEDCDVTSVQQQWALFDDRTIRVNNSRGLCVTSNGYVSKDLIVIRKCQGLATQRWFFNSDGSVVNLKSTRVMDVKESD
VSLQEVIIFPATGNPNQQWRTQVPQI
;
B
#
# COMPACT_ATOMS: atom_id res chain seq x y z
N ILE A 1 -32.85 10.58 -9.87
CA ILE A 1 -32.40 10.72 -8.45
C ILE A 1 -31.24 11.70 -8.38
N ASP A 2 -31.07 12.33 -7.22
CA ASP A 2 -29.99 13.28 -7.01
C ASP A 2 -28.87 12.62 -6.22
N TYR A 3 -27.74 12.39 -6.90
CA TYR A 3 -26.59 11.77 -6.25
C TYR A 3 -25.55 12.83 -5.90
N PRO A 4 -24.77 12.58 -4.83
CA PRO A 4 -23.75 13.56 -4.44
C PRO A 4 -22.77 13.75 -5.58
N SER A 5 -21.97 14.82 -5.52
CA SER A 5 -21.01 15.09 -6.58
C SER A 5 -19.63 15.50 -6.10
N VAL A 6 -18.66 15.30 -6.98
CA VAL A 6 -17.26 15.66 -6.74
C VAL A 6 -16.77 16.24 -8.05
N SER A 7 -16.37 17.50 -8.05
CA SER A 7 -15.91 18.13 -9.27
C SER A 7 -14.44 18.54 -9.26
N PHE A 8 -13.86 18.59 -10.45
CA PHE A 8 -12.47 18.96 -10.63
C PHE A 8 -12.32 19.83 -11.88
N ASN A 9 -11.92 21.08 -11.69
CA ASN A 9 -11.75 22.00 -12.80
C ASN A 9 -10.28 22.09 -13.20
N LEU A 10 -9.99 21.79 -14.46
CA LEU A 10 -8.63 21.83 -14.97
C LEU A 10 -8.09 23.27 -15.00
N ALA A 11 -8.99 24.22 -15.26
CA ALA A 11 -8.62 25.63 -15.32
C ALA A 11 -7.96 26.09 -14.02
N GLY A 12 -6.67 26.38 -14.09
CA GLY A 12 -5.95 26.85 -12.92
C GLY A 12 -5.92 25.83 -11.79
N ALA A 13 -5.97 24.54 -12.16
CA ALA A 13 -5.96 23.47 -11.17
C ALA A 13 -4.52 23.11 -10.76
N LYS A 14 -4.29 23.03 -9.45
CA LYS A 14 -2.97 22.67 -8.95
C LYS A 14 -2.93 21.20 -8.55
N SER A 15 -1.76 20.74 -8.13
CA SER A 15 -1.61 19.35 -7.71
C SER A 15 -2.35 19.13 -6.39
N THR A 16 -2.37 20.17 -5.57
CA THR A 16 -3.05 20.12 -4.27
C THR A 16 -4.56 19.94 -4.49
N THR A 17 -5.14 20.81 -5.31
CA THR A 17 -6.56 20.76 -5.60
C THR A 17 -6.93 19.36 -6.07
N TYR A 18 -6.11 18.80 -6.94
CA TYR A 18 -6.34 17.45 -7.45
C TYR A 18 -6.40 16.48 -6.28
N ARG A 19 -5.42 16.58 -5.40
CA ARG A 19 -5.35 15.74 -4.22
C ARG A 19 -6.65 15.84 -3.43
N ASP A 20 -7.11 17.06 -3.20
CA ASP A 20 -8.34 17.29 -2.46
C ASP A 20 -9.52 16.62 -3.17
N PHE A 21 -9.49 16.62 -4.50
CA PHE A 21 -10.55 16.01 -5.29
C PHE A 21 -10.63 14.51 -5.02
N LEU A 22 -9.50 13.82 -5.17
CA LEU A 22 -9.44 12.38 -4.95
C LEU A 22 -9.80 12.05 -3.51
N LYS A 23 -9.77 13.06 -2.66
CA LYS A 23 -10.10 12.88 -1.25
C LYS A 23 -11.61 12.82 -1.07
N ASN A 24 -12.30 13.84 -1.59
CA ASN A 24 -13.76 13.89 -1.50
C ASN A 24 -14.35 12.66 -2.18
N LEU A 25 -13.70 12.24 -3.26
CA LEU A 25 -14.14 11.07 -4.02
C LEU A 25 -14.19 9.82 -3.14
N ARG A 26 -13.10 9.55 -2.45
CA ARG A 26 -13.02 8.38 -1.59
C ARG A 26 -14.04 8.42 -0.46
N ASP A 27 -14.15 9.58 0.19
CA ASP A 27 -15.10 9.75 1.28
C ASP A 27 -16.53 9.43 0.82
N ARG A 28 -16.91 9.96 -0.34
CA ARG A 28 -18.25 9.74 -0.88
C ARG A 28 -18.62 8.26 -1.07
N VAL A 29 -17.67 7.46 -1.55
CA VAL A 29 -17.94 6.04 -1.79
C VAL A 29 -17.58 5.12 -0.63
N ALA A 30 -16.70 5.58 0.25
CA ALA A 30 -16.29 4.78 1.40
C ALA A 30 -17.24 5.00 2.58
N THR A 31 -18.49 5.33 2.26
CA THR A 31 -19.50 5.56 3.28
C THR A 31 -20.18 4.26 3.70
N GLY A 32 -20.48 4.15 5.00
CA GLY A 32 -21.12 2.95 5.51
C GLY A 32 -20.25 1.74 5.22
N THR A 33 -19.06 1.73 5.81
CA THR A 33 -18.14 0.62 5.57
C THR A 33 -17.28 0.21 6.76
N TYR A 34 -16.98 -1.08 6.79
CA TYR A 34 -16.11 -1.64 7.82
C TYR A 34 -14.80 -1.76 7.06
N GLU A 35 -13.68 -1.41 7.69
CA GLU A 35 -12.41 -1.49 6.98
C GLU A 35 -11.46 -2.56 7.51
N VAL A 36 -10.56 -3.00 6.63
CA VAL A 36 -9.58 -4.02 6.97
C VAL A 36 -8.18 -3.43 6.81
N ASN A 37 -7.39 -3.49 7.87
CA ASN A 37 -6.03 -2.97 7.85
C ASN A 37 -6.04 -1.47 7.53
N GLY A 38 -7.13 -0.81 7.85
CA GLY A 38 -7.23 0.61 7.59
C GLY A 38 -7.86 0.97 6.25
N LEU A 39 -7.99 -0.02 5.37
CA LEU A 39 -8.59 0.21 4.06
C LEU A 39 -10.04 -0.23 4.02
N PRO A 40 -10.94 0.66 3.56
CA PRO A 40 -12.37 0.37 3.49
C PRO A 40 -12.74 -0.57 2.34
N VAL A 41 -13.76 -1.39 2.58
CA VAL A 41 -14.23 -2.35 1.57
C VAL A 41 -15.57 -1.88 0.98
N LEU A 42 -15.55 -1.48 -0.29
CA LEU A 42 -16.76 -1.01 -0.96
C LEU A 42 -17.97 -1.87 -0.59
N ARG A 43 -19.07 -1.21 -0.23
CA ARG A 43 -20.28 -1.91 0.15
C ARG A 43 -20.69 -2.95 -0.88
N ARG A 44 -21.18 -4.09 -0.40
CA ARG A 44 -21.64 -5.17 -1.28
C ARG A 44 -22.79 -4.64 -2.12
N GLU A 45 -23.13 -5.32 -3.21
CA GLU A 45 -24.25 -4.88 -4.03
C GLU A 45 -25.52 -4.95 -3.20
N SER A 46 -25.71 -6.08 -2.54
CA SER A 46 -26.89 -6.32 -1.71
C SER A 46 -26.76 -5.62 -0.36
N GLU A 47 -26.70 -4.29 -0.38
CA GLU A 47 -26.58 -3.50 0.83
C GLU A 47 -26.75 -2.01 0.50
N VAL A 48 -26.37 -1.65 -0.71
CA VAL A 48 -26.46 -0.27 -1.16
C VAL A 48 -27.82 0.06 -1.76
N GLN A 49 -28.60 0.88 -1.08
CA GLN A 49 -29.91 1.27 -1.59
C GLN A 49 -29.67 2.13 -2.83
N VAL A 50 -30.45 1.87 -3.89
CA VAL A 50 -30.31 2.59 -5.14
C VAL A 50 -30.02 4.09 -5.02
N LYS A 51 -30.65 4.74 -4.03
CA LYS A 51 -30.47 6.17 -3.81
C LYS A 51 -29.02 6.57 -3.52
N ASN A 52 -28.20 5.60 -3.12
CA ASN A 52 -26.80 5.87 -2.81
C ASN A 52 -25.90 4.83 -3.46
N ARG A 53 -26.19 4.47 -4.71
CA ARG A 53 -25.40 3.48 -5.42
C ARG A 53 -24.39 4.12 -6.37
N PHE A 54 -24.76 5.27 -6.91
CA PHE A 54 -23.89 5.97 -7.86
C PHE A 54 -23.49 7.35 -7.36
N VAL A 55 -22.26 7.74 -7.68
CA VAL A 55 -21.74 9.05 -7.31
C VAL A 55 -21.36 9.74 -8.62
N LEU A 56 -21.74 11.00 -8.77
CA LEU A 56 -21.45 11.72 -9.99
C LEU A 56 -20.15 12.52 -9.91
N VAL A 57 -19.33 12.40 -10.95
CA VAL A 57 -18.06 13.10 -11.05
C VAL A 57 -18.15 14.16 -12.13
N ARG A 58 -17.80 15.39 -11.79
CA ARG A 58 -17.85 16.50 -12.74
C ARG A 58 -16.46 17.01 -13.09
N LEU A 59 -16.05 16.75 -14.33
CA LEU A 59 -14.74 17.17 -14.80
C LEU A 59 -14.91 18.23 -15.89
N THR A 60 -14.23 19.36 -15.72
CA THR A 60 -14.32 20.45 -16.68
C THR A 60 -12.98 20.70 -17.36
N ASN A 61 -12.99 20.84 -18.68
CA ASN A 61 -11.76 21.09 -19.41
C ASN A 61 -11.47 22.58 -19.48
N TYR A 62 -10.22 22.92 -19.77
CA TYR A 62 -9.77 24.30 -19.85
C TYR A 62 -10.74 25.28 -20.52
N ASN A 63 -11.44 24.84 -21.55
CA ASN A 63 -12.37 25.72 -22.24
C ASN A 63 -13.79 25.76 -21.69
N GLY A 64 -13.97 25.26 -20.47
CA GLY A 64 -15.29 25.28 -19.85
C GLY A 64 -16.18 24.07 -20.04
N ASP A 65 -15.82 23.15 -20.94
CA ASP A 65 -16.62 21.96 -21.20
C ASP A 65 -16.70 21.08 -19.96
N THR A 66 -17.90 20.60 -19.65
CA THR A 66 -18.11 19.75 -18.48
C THR A 66 -18.75 18.40 -18.83
N VAL A 67 -18.03 17.32 -18.50
CA VAL A 67 -18.53 15.98 -18.77
C VAL A 67 -18.75 15.29 -17.42
N THR A 68 -19.92 14.68 -17.25
CA THR A 68 -20.25 14.00 -16.00
C THR A 68 -20.28 12.48 -16.14
N SER A 69 -19.62 11.79 -15.23
CA SER A 69 -19.57 10.34 -15.23
C SER A 69 -20.13 9.78 -13.92
N ALA A 70 -20.92 8.72 -14.02
CA ALA A 70 -21.49 8.09 -12.84
C ALA A 70 -20.70 6.84 -12.48
N VAL A 71 -20.17 6.81 -11.26
CA VAL A 71 -19.38 5.68 -10.80
C VAL A 71 -20.13 4.82 -9.79
N ASP A 72 -20.08 3.52 -10.00
CA ASP A 72 -20.75 2.59 -9.10
C ASP A 72 -20.00 2.51 -7.79
N VAL A 73 -20.66 2.93 -6.72
CA VAL A 73 -20.07 2.94 -5.39
C VAL A 73 -19.62 1.56 -4.88
N THR A 74 -20.21 0.50 -5.43
CA THR A 74 -19.86 -0.86 -4.99
C THR A 74 -18.54 -1.40 -5.54
N ASN A 75 -18.11 -0.91 -6.70
CA ASN A 75 -16.87 -1.37 -7.29
C ASN A 75 -16.00 -0.22 -7.82
N LEU A 76 -16.43 1.01 -7.56
CA LEU A 76 -15.69 2.19 -8.00
C LEU A 76 -15.49 2.19 -9.51
N TYR A 77 -16.41 1.56 -10.22
CA TYR A 77 -16.36 1.47 -11.67
C TYR A 77 -17.09 2.62 -12.33
N LEU A 78 -16.63 3.03 -13.50
CA LEU A 78 -17.28 4.10 -14.25
C LEU A 78 -18.34 3.36 -15.06
N VAL A 79 -19.60 3.72 -14.88
CA VAL A 79 -20.69 3.04 -15.59
C VAL A 79 -21.35 3.80 -16.73
N ALA A 80 -21.23 5.13 -16.73
CA ALA A 80 -21.85 5.93 -17.79
C ALA A 80 -21.44 7.40 -17.66
N PHE A 81 -21.60 8.14 -18.75
CA PHE A 81 -21.26 9.55 -18.76
C PHE A 81 -22.19 10.34 -19.68
N SER A 82 -22.42 11.61 -19.34
CA SER A 82 -23.29 12.45 -20.14
C SER A 82 -22.71 13.85 -20.34
N ALA A 83 -23.03 14.45 -21.48
CA ALA A 83 -22.55 15.79 -21.82
C ALA A 83 -23.48 16.43 -22.83
N ASN A 84 -23.72 17.73 -22.68
CA ASN A 84 -24.60 18.49 -23.57
C ASN A 84 -25.90 17.76 -23.90
N GLY A 85 -26.70 17.50 -22.88
CA GLY A 85 -27.98 16.83 -23.08
C GLY A 85 -27.97 15.34 -23.35
N ASN A 86 -26.86 14.79 -23.84
CA ASN A 86 -26.80 13.37 -24.13
C ASN A 86 -26.06 12.57 -23.06
N SER A 87 -26.40 11.29 -22.94
CA SER A 87 -25.77 10.39 -21.97
C SER A 87 -25.46 9.07 -22.67
N TYR A 88 -24.43 8.37 -22.19
CA TYR A 88 -24.03 7.11 -22.80
C TYR A 88 -23.81 5.99 -21.79
N PHE A 89 -24.21 4.77 -22.16
CA PHE A 89 -24.04 3.59 -21.32
C PHE A 89 -23.39 2.48 -22.13
N PHE A 90 -22.66 1.60 -21.47
CA PHE A 90 -22.01 0.50 -22.15
C PHE A 90 -23.05 -0.56 -22.49
N LYS A 91 -22.68 -1.48 -23.38
CA LYS A 91 -23.60 -2.54 -23.81
C LYS A 91 -24.18 -3.37 -22.66
N ASP A 92 -23.37 -3.62 -21.64
CA ASP A 92 -23.81 -4.41 -20.49
C ASP A 92 -24.67 -3.62 -19.50
N ALA A 93 -24.88 -2.34 -19.80
CA ALA A 93 -25.68 -1.46 -18.94
C ALA A 93 -26.91 -2.17 -18.35
N THR A 94 -26.96 -2.22 -17.03
CA THR A 94 -28.08 -2.84 -16.32
C THR A 94 -29.22 -1.84 -16.20
N GLU A 95 -30.46 -2.32 -16.28
CA GLU A 95 -31.64 -1.46 -16.19
C GLU A 95 -31.48 -0.43 -15.09
N LEU A 96 -30.93 -0.85 -13.95
CA LEU A 96 -30.72 0.02 -12.81
C LEU A 96 -30.07 1.33 -13.21
N GLN A 97 -29.01 1.22 -14.02
CA GLN A 97 -28.27 2.38 -14.49
C GLN A 97 -29.16 3.36 -15.24
N LYS A 98 -29.53 2.98 -16.46
CA LYS A 98 -30.39 3.83 -17.30
C LYS A 98 -31.60 4.34 -16.53
N SER A 99 -32.26 3.45 -15.82
CA SER A 99 -33.45 3.79 -15.04
C SER A 99 -33.28 4.91 -14.03
N ASN A 100 -32.09 5.05 -13.46
CA ASN A 100 -31.86 6.08 -12.45
C ASN A 100 -30.84 7.18 -12.80
N LEU A 101 -30.06 6.98 -13.85
CA LEU A 101 -29.05 7.96 -14.21
C LEU A 101 -29.39 8.92 -15.35
N PHE A 102 -28.93 10.16 -15.20
CA PHE A 102 -29.12 11.22 -16.18
C PHE A 102 -30.51 11.33 -16.80
N LEU A 103 -31.54 11.26 -15.97
CA LEU A 103 -32.91 11.39 -16.46
C LEU A 103 -33.08 12.81 -16.99
N GLY A 104 -33.63 12.93 -18.19
CA GLY A 104 -33.82 14.24 -18.77
C GLY A 104 -32.80 14.49 -19.87
N THR A 105 -32.01 13.46 -20.17
CA THR A 105 -30.98 13.52 -21.19
C THR A 105 -31.19 12.41 -22.21
N THR A 106 -30.90 12.71 -23.47
CA THR A 106 -31.03 11.72 -24.54
C THR A 106 -29.98 10.65 -24.26
N GLN A 107 -30.43 9.48 -23.84
CA GLN A 107 -29.52 8.39 -23.52
C GLN A 107 -29.13 7.56 -24.73
N HIS A 108 -27.91 7.03 -24.70
CA HIS A 108 -27.42 6.22 -25.82
C HIS A 108 -26.69 4.99 -25.29
N THR A 109 -26.83 3.89 -26.00
CA THR A 109 -26.16 2.65 -25.63
C THR A 109 -24.94 2.54 -26.54
N LEU A 110 -23.81 2.16 -25.96
CA LEU A 110 -22.58 2.04 -26.73
C LEU A 110 -22.38 0.65 -27.32
N SER A 111 -21.52 0.58 -28.34
CA SER A 111 -21.23 -0.67 -29.03
C SER A 111 -20.22 -1.55 -28.29
N PHE A 112 -19.78 -1.11 -27.12
CA PHE A 112 -18.81 -1.89 -26.36
C PHE A 112 -19.04 -1.88 -24.85
N THR A 113 -18.22 -2.66 -24.14
CA THR A 113 -18.32 -2.77 -22.69
C THR A 113 -17.17 -2.00 -22.02
N GLY A 114 -17.22 -1.90 -20.69
CA GLY A 114 -16.20 -1.16 -19.97
C GLY A 114 -15.01 -1.96 -19.46
N ASN A 115 -14.55 -2.93 -20.23
CA ASN A 115 -13.39 -3.74 -19.82
C ASN A 115 -12.12 -3.03 -20.27
N TYR A 116 -11.03 -3.27 -19.56
CA TYR A 116 -9.76 -2.64 -19.93
C TYR A 116 -9.30 -3.19 -21.27
N ASP A 117 -9.73 -4.42 -21.56
CA ASP A 117 -9.39 -5.08 -22.81
C ASP A 117 -10.39 -4.66 -23.89
N ASN A 118 -11.66 -4.60 -23.53
CA ASN A 118 -12.70 -4.19 -24.46
C ASN A 118 -12.38 -2.75 -24.90
N LEU A 119 -12.28 -1.87 -23.92
CA LEU A 119 -11.95 -0.46 -24.18
C LEU A 119 -10.74 -0.39 -25.09
N GLU A 120 -9.70 -1.15 -24.74
CA GLU A 120 -8.46 -1.18 -25.50
C GLU A 120 -8.68 -1.54 -26.96
N THR A 121 -9.41 -2.62 -27.21
CA THR A 121 -9.68 -3.04 -28.59
C THR A 121 -10.54 -2.02 -29.32
N ALA A 122 -11.60 -1.56 -28.67
CA ALA A 122 -12.49 -0.57 -29.27
C ALA A 122 -11.71 0.69 -29.59
N ALA A 123 -10.82 1.08 -28.70
CA ALA A 123 -9.99 2.26 -28.88
C ALA A 123 -9.04 2.07 -30.06
N GLY A 124 -8.60 0.84 -30.25
CA GLY A 124 -7.68 0.55 -31.34
C GLY A 124 -6.24 0.63 -30.88
N THR A 125 -6.05 0.92 -29.61
CA THR A 125 -4.72 1.03 -29.02
C THR A 125 -4.73 0.43 -27.61
N ARG A 126 -3.55 0.14 -27.09
CA ARG A 126 -3.44 -0.45 -25.74
C ARG A 126 -3.03 0.60 -24.71
N ARG A 127 -3.61 0.50 -23.52
CA ARG A 127 -3.32 1.41 -22.42
C ARG A 127 -1.85 1.85 -22.39
N GLU A 128 -0.97 0.88 -22.55
CA GLU A 128 0.48 1.10 -22.53
C GLU A 128 0.99 2.25 -23.40
N SER A 129 0.34 2.48 -24.53
CA SER A 129 0.77 3.54 -25.44
C SER A 129 -0.04 4.83 -25.36
N ILE A 130 -0.96 4.91 -24.40
CA ILE A 130 -1.78 6.11 -24.26
C ILE A 130 -1.18 7.07 -23.22
N GLU A 131 -1.15 8.36 -23.57
CA GLU A 131 -0.59 9.38 -22.69
C GLU A 131 -1.60 9.88 -21.68
N LEU A 132 -1.13 10.13 -20.46
CA LEU A 132 -1.97 10.62 -19.37
C LEU A 132 -1.38 11.93 -18.86
N GLY A 133 -2.21 12.74 -18.21
CA GLY A 133 -1.72 14.00 -17.69
C GLY A 133 -2.70 15.14 -17.88
N PRO A 134 -2.27 16.40 -17.63
CA PRO A 134 -3.15 17.56 -17.78
C PRO A 134 -3.76 17.67 -19.17
N ASN A 135 -2.93 17.87 -20.18
CA ASN A 135 -3.42 18.00 -21.55
C ASN A 135 -4.27 16.81 -21.99
N PRO A 136 -3.71 15.60 -21.95
CA PRO A 136 -4.49 14.43 -22.36
C PRO A 136 -5.89 14.41 -21.73
N LEU A 137 -5.96 14.82 -20.47
CA LEU A 137 -7.23 14.85 -19.75
C LEU A 137 -8.14 15.90 -20.38
N ASP A 138 -7.62 17.12 -20.52
CA ASP A 138 -8.38 18.21 -21.12
C ASP A 138 -8.87 17.78 -22.51
N GLY A 139 -7.95 17.30 -23.33
CA GLY A 139 -8.31 16.86 -24.67
C GLY A 139 -9.23 15.66 -24.66
N ALA A 140 -9.29 14.96 -23.53
CA ALA A 140 -10.15 13.79 -23.40
C ALA A 140 -11.60 14.22 -23.15
N ILE A 141 -11.77 15.29 -22.38
CA ILE A 141 -13.10 15.81 -22.09
C ILE A 141 -13.75 16.31 -23.37
N THR A 142 -13.07 17.23 -24.04
CA THR A 142 -13.55 17.79 -25.30
C THR A 142 -14.04 16.69 -26.24
N SER A 143 -13.23 15.65 -26.39
CA SER A 143 -13.56 14.53 -27.25
C SER A 143 -14.91 13.90 -26.88
N LEU A 144 -15.11 13.66 -25.58
CA LEU A 144 -16.35 13.06 -25.11
C LEU A 144 -17.52 14.03 -25.23
N TRP A 145 -17.25 15.30 -24.99
CA TRP A 145 -18.28 16.35 -25.09
C TRP A 145 -18.83 16.37 -26.50
N TYR A 146 -17.98 16.02 -27.47
CA TYR A 146 -18.39 16.01 -28.86
C TYR A 146 -18.63 14.59 -29.37
N ASP A 147 -18.83 13.67 -28.44
CA ASP A 147 -19.10 12.27 -28.77
C ASP A 147 -18.20 11.74 -29.88
N GLY A 148 -16.90 11.77 -29.65
CA GLY A 148 -15.95 11.28 -30.64
C GLY A 148 -14.78 10.61 -29.96
N GLY A 149 -14.29 9.52 -30.54
CA GLY A 149 -13.18 8.81 -29.94
C GLY A 149 -13.48 8.57 -28.47
N VAL A 150 -14.72 8.21 -28.19
CA VAL A 150 -15.18 7.97 -26.83
C VAL A 150 -14.39 6.87 -26.11
N ALA A 151 -14.11 5.78 -26.80
CA ALA A 151 -13.37 4.66 -26.22
C ALA A 151 -12.02 5.08 -25.65
N ARG A 152 -11.08 5.38 -26.54
CA ARG A 152 -9.74 5.80 -26.13
C ARG A 152 -9.78 6.90 -25.06
N SER A 153 -10.76 7.78 -25.16
CA SER A 153 -10.91 8.87 -24.19
C SER A 153 -11.28 8.37 -22.81
N LEU A 154 -12.14 7.34 -22.76
CA LEU A 154 -12.59 6.77 -21.49
C LEU A 154 -11.41 6.18 -20.73
N LEU A 155 -10.43 5.66 -21.46
CA LEU A 155 -9.25 5.06 -20.86
C LEU A 155 -8.42 6.09 -20.11
N VAL A 156 -8.48 7.34 -20.56
CA VAL A 156 -7.74 8.41 -19.91
C VAL A 156 -8.46 8.75 -18.60
N LEU A 157 -9.77 8.94 -18.71
CA LEU A 157 -10.60 9.26 -17.54
C LEU A 157 -10.46 8.20 -16.46
N ILE A 158 -10.68 6.94 -16.85
CA ILE A 158 -10.61 5.82 -15.92
C ILE A 158 -9.32 5.77 -15.11
N GLN A 159 -8.18 5.81 -15.79
CA GLN A 159 -6.88 5.75 -15.11
C GLN A 159 -6.58 6.99 -14.28
N MET A 160 -7.08 8.14 -14.73
CA MET A 160 -6.82 9.38 -14.01
C MET A 160 -7.80 9.69 -12.88
N VAL A 161 -8.80 8.85 -12.68
CA VAL A 161 -9.76 9.09 -11.60
C VAL A 161 -10.03 7.85 -10.73
N PRO A 162 -10.83 6.89 -11.23
CA PRO A 162 -11.07 5.71 -10.39
C PRO A 162 -9.77 5.06 -9.92
N GLU A 163 -8.89 4.77 -10.88
CA GLU A 163 -7.60 4.15 -10.57
C GLU A 163 -6.82 4.97 -9.55
N ALA A 164 -6.76 6.27 -9.76
CA ALA A 164 -6.03 7.15 -8.85
C ALA A 164 -6.59 7.01 -7.44
N ALA A 165 -7.92 7.01 -7.34
CA ALA A 165 -8.59 6.88 -6.05
C ALA A 165 -8.24 5.54 -5.42
N ARG A 166 -8.05 4.54 -6.27
CA ARG A 166 -7.70 3.20 -5.81
C ARG A 166 -6.26 3.15 -5.33
N PHE A 167 -5.33 3.44 -6.23
CA PHE A 167 -3.91 3.40 -5.91
C PHE A 167 -3.29 4.79 -5.75
N ARG A 168 -2.77 5.04 -4.56
CA ARG A 168 -2.13 6.32 -4.26
C ARG A 168 -0.85 6.46 -5.07
N TYR A 169 -0.35 5.35 -5.59
CA TYR A 169 0.87 5.36 -6.40
C TYR A 169 0.51 6.10 -7.68
N ILE A 170 -0.65 5.77 -8.23
CA ILE A 170 -1.14 6.40 -9.44
C ILE A 170 -1.43 7.87 -9.11
N GLU A 171 -2.08 8.08 -7.97
CA GLU A 171 -2.41 9.42 -7.52
C GLU A 171 -1.16 10.30 -7.58
N GLN A 172 -0.03 9.73 -7.20
CA GLN A 172 1.24 10.44 -7.23
C GLN A 172 1.64 10.78 -8.65
N GLU A 173 1.80 9.75 -9.48
CA GLU A 173 2.18 9.94 -10.87
C GLU A 173 1.37 11.07 -11.50
N VAL A 174 0.05 10.97 -11.40
CA VAL A 174 -0.85 11.98 -11.95
C VAL A 174 -0.59 13.33 -11.30
N ARG A 175 -0.49 13.33 -9.97
CA ARG A 175 -0.24 14.56 -9.22
C ARG A 175 0.97 15.29 -9.79
N ARG A 176 2.06 14.55 -9.99
CA ARG A 176 3.29 15.11 -10.52
C ARG A 176 3.08 15.60 -11.94
N SER A 177 2.19 14.94 -12.68
CA SER A 177 1.90 15.31 -14.06
C SER A 177 1.31 16.71 -14.13
N LEU A 178 0.53 17.07 -13.12
CA LEU A 178 -0.08 18.39 -13.07
C LEU A 178 0.96 19.42 -12.62
N GLN A 179 1.62 19.11 -11.51
CA GLN A 179 2.64 19.97 -10.90
C GLN A 179 3.64 20.57 -11.88
N GLN A 180 4.00 19.83 -12.92
CA GLN A 180 4.95 20.33 -13.90
C GLN A 180 4.50 20.02 -15.33
N LEU A 181 3.21 20.23 -15.57
CA LEU A 181 2.56 20.01 -16.86
C LEU A 181 3.35 19.27 -17.94
N THR A 182 3.40 17.96 -17.82
CA THR A 182 4.06 17.10 -18.80
C THR A 182 3.08 15.98 -19.10
N SER A 183 3.57 14.88 -19.66
CA SER A 183 2.69 13.76 -19.98
C SER A 183 3.44 12.45 -19.82
N PHE A 184 2.72 11.39 -19.47
CA PHE A 184 3.35 10.09 -19.28
C PHE A 184 2.46 8.93 -19.70
N THR A 185 3.11 7.83 -20.09
CA THR A 185 2.39 6.62 -20.47
C THR A 185 2.52 5.69 -19.27
N PRO A 186 1.49 4.86 -19.02
CA PRO A 186 1.57 3.95 -17.87
C PRO A 186 2.71 2.94 -17.99
N ASN A 187 3.46 2.76 -16.91
CA ASN A 187 4.57 1.80 -16.92
C ASN A 187 4.08 0.40 -16.54
N ALA A 188 4.95 -0.59 -16.72
CA ALA A 188 4.61 -1.98 -16.43
C ALA A 188 4.00 -2.20 -15.04
N LEU A 189 4.56 -1.55 -14.02
CA LEU A 189 4.05 -1.71 -12.66
C LEU A 189 2.65 -1.14 -12.50
N MET A 190 2.46 0.10 -12.97
CA MET A 190 1.17 0.76 -12.89
C MET A 190 0.06 -0.13 -13.42
N LEU A 191 0.14 -0.48 -14.70
CA LEU A 191 -0.85 -1.34 -15.32
C LEU A 191 -0.95 -2.66 -14.56
N SER A 192 0.17 -3.08 -13.98
CA SER A 192 0.22 -4.33 -13.23
C SER A 192 -0.70 -4.33 -12.02
N MET A 193 -0.76 -3.20 -11.32
CA MET A 193 -1.61 -3.10 -10.15
C MET A 193 -3.05 -2.82 -10.55
N GLU A 194 -3.24 -2.30 -11.75
CA GLU A 194 -4.57 -2.01 -12.26
C GLU A 194 -5.33 -3.30 -12.53
N ASN A 195 -4.63 -4.26 -13.14
CA ASN A 195 -5.22 -5.55 -13.49
C ASN A 195 -5.34 -6.54 -12.35
N ASN A 196 -4.75 -6.24 -11.20
CA ASN A 196 -4.81 -7.16 -10.06
C ASN A 196 -5.53 -6.63 -8.83
N TRP A 197 -6.26 -5.52 -8.99
CA TRP A 197 -6.99 -4.94 -7.87
C TRP A 197 -7.80 -6.01 -7.14
N SER A 198 -8.56 -6.78 -7.91
CA SER A 198 -9.39 -7.85 -7.33
C SER A 198 -8.57 -8.86 -6.54
N SER A 199 -7.45 -9.30 -7.12
CA SER A 199 -6.60 -10.28 -6.45
C SER A 199 -6.13 -9.70 -5.12
N MET A 200 -5.64 -8.48 -5.16
CA MET A 200 -5.16 -7.80 -3.96
C MET A 200 -6.29 -7.77 -2.93
N SER A 201 -7.48 -7.40 -3.40
CA SER A 201 -8.66 -7.34 -2.53
C SER A 201 -8.89 -8.68 -1.86
N LEU A 202 -8.73 -9.75 -2.64
CA LEU A 202 -8.91 -11.11 -2.13
C LEU A 202 -7.87 -11.42 -1.07
N GLU A 203 -6.60 -11.38 -1.45
CA GLU A 203 -5.49 -11.65 -0.55
C GLU A 203 -5.62 -10.92 0.78
N VAL A 204 -5.86 -9.61 0.71
CA VAL A 204 -5.99 -8.80 1.92
C VAL A 204 -7.12 -9.25 2.84
N GLN A 205 -8.30 -9.48 2.26
CA GLN A 205 -9.45 -9.91 3.04
C GLN A 205 -9.26 -11.29 3.68
N LEU A 206 -8.75 -12.24 2.90
CA LEU A 206 -8.55 -13.60 3.40
C LEU A 206 -7.80 -13.62 4.73
N SER A 207 -6.61 -13.03 4.74
CA SER A 207 -5.77 -12.98 5.94
C SER A 207 -6.48 -12.30 7.12
N GLY A 208 -7.37 -11.38 6.79
CA GLY A 208 -8.07 -10.69 7.85
C GLY A 208 -7.32 -9.54 8.45
N ASP A 209 -8.04 -8.71 9.19
CA ASP A 209 -7.47 -7.55 9.85
C ASP A 209 -6.26 -7.87 10.73
N ASN A 210 -5.16 -7.14 10.47
CA ASN A 210 -3.89 -7.27 11.18
C ASN A 210 -2.93 -8.33 10.69
N VAL A 211 -3.45 -9.45 10.24
CA VAL A 211 -2.60 -10.55 9.77
C VAL A 211 -1.77 -9.97 8.64
N SER A 212 -0.46 -10.12 8.72
CA SER A 212 0.45 -9.59 7.71
C SER A 212 0.65 -10.40 6.41
N PRO A 213 1.01 -11.69 6.54
CA PRO A 213 1.22 -12.52 5.35
C PRO A 213 -0.04 -12.86 4.55
N PHE A 214 0.16 -13.16 3.26
CA PHE A 214 -0.94 -13.54 2.38
C PHE A 214 -0.85 -15.06 2.20
N SER A 215 -1.99 -15.72 2.05
CA SER A 215 -2.00 -17.16 1.85
C SER A 215 -1.42 -17.44 0.46
N GLY A 216 -1.71 -16.53 -0.46
CA GLY A 216 -1.20 -16.63 -1.82
C GLY A 216 -0.45 -15.37 -2.15
N THR A 217 0.20 -15.32 -3.31
CA THR A 217 0.95 -14.13 -3.68
C THR A 217 0.33 -13.39 -4.87
N VAL A 218 0.58 -12.08 -4.91
CA VAL A 218 0.06 -11.24 -5.99
C VAL A 218 1.15 -11.04 -7.03
N GLN A 219 0.81 -11.21 -8.29
CA GLN A 219 1.76 -11.03 -9.38
C GLN A 219 1.75 -9.58 -9.86
N LEU A 220 2.90 -8.93 -9.78
CA LEU A 220 3.05 -7.55 -10.20
C LEU A 220 4.27 -7.42 -11.12
N GLN A 221 4.22 -6.44 -12.02
CA GLN A 221 5.29 -6.20 -12.97
C GLN A 221 6.23 -5.11 -12.51
N ASN A 222 7.51 -5.30 -12.76
CA ASN A 222 8.51 -4.31 -12.42
C ASN A 222 8.67 -3.44 -13.66
N TYR A 223 9.38 -2.33 -13.52
CA TYR A 223 9.57 -1.42 -14.65
C TYR A 223 10.11 -2.13 -15.88
N ASP A 224 11.10 -3.00 -15.67
CA ASP A 224 11.71 -3.75 -16.76
C ASP A 224 10.78 -4.83 -17.33
N HIS A 225 9.65 -5.04 -16.65
CA HIS A 225 8.65 -6.03 -17.05
C HIS A 225 8.96 -7.38 -16.42
N THR A 226 9.86 -7.37 -15.44
CA THR A 226 10.26 -8.57 -14.74
C THR A 226 9.21 -8.94 -13.69
N PRO A 227 8.72 -10.19 -13.71
CA PRO A 227 7.72 -10.63 -12.75
C PRO A 227 8.13 -10.36 -11.31
N ARG A 228 7.16 -9.98 -10.48
CA ARG A 228 7.40 -9.68 -9.08
C ARG A 228 6.19 -10.15 -8.29
N LEU A 229 6.41 -10.79 -7.15
CA LEU A 229 5.28 -11.28 -6.36
C LEU A 229 5.31 -10.82 -4.91
N VAL A 230 4.29 -10.05 -4.53
CA VAL A 230 4.18 -9.56 -3.17
C VAL A 230 3.35 -10.57 -2.38
N ASP A 231 3.86 -10.96 -1.20
CA ASP A 231 3.18 -11.95 -0.37
C ASP A 231 2.72 -11.41 0.99
N ASN A 232 2.97 -10.13 1.25
CA ASN A 232 2.56 -9.54 2.52
C ASN A 232 2.03 -8.13 2.36
N PHE A 233 1.02 -7.80 3.16
CA PHE A 233 0.38 -6.48 3.11
C PHE A 233 1.37 -5.35 2.93
N GLU A 234 2.15 -5.06 3.97
CA GLU A 234 3.12 -3.97 3.91
C GLU A 234 3.77 -3.89 2.54
N GLU A 235 4.17 -5.04 2.00
CA GLU A 235 4.79 -5.05 0.68
C GLU A 235 3.81 -4.50 -0.33
N LEU A 236 2.62 -5.07 -0.37
CA LEU A 236 1.58 -4.64 -1.29
C LEU A 236 1.35 -3.15 -1.18
N TYR A 237 1.10 -2.67 0.04
CA TYR A 237 0.86 -1.25 0.26
C TYR A 237 2.05 -0.40 -0.17
N LYS A 238 3.18 -0.58 0.50
CA LYS A 238 4.39 0.18 0.18
C LYS A 238 4.60 0.32 -1.32
N ILE A 239 4.28 -0.73 -2.08
CA ILE A 239 4.48 -0.71 -3.53
C ILE A 239 3.35 -0.02 -4.30
N THR A 240 2.11 -0.32 -3.92
CA THR A 240 0.95 0.27 -4.60
C THR A 240 0.39 1.51 -3.91
N GLY A 241 0.28 1.46 -2.59
CA GLY A 241 -0.26 2.59 -1.86
C GLY A 241 -1.77 2.52 -2.00
N ILE A 242 -2.27 1.30 -2.15
CA ILE A 242 -3.70 1.05 -2.29
C ILE A 242 -4.50 1.81 -1.26
N ALA A 243 -5.68 2.27 -1.64
CA ALA A 243 -6.53 3.05 -0.74
C ALA A 243 -7.88 2.38 -0.49
N ILE A 244 -8.44 1.76 -1.52
CA ILE A 244 -9.74 1.10 -1.39
C ILE A 244 -9.67 -0.40 -1.67
N LEU A 245 -10.57 -1.14 -1.01
CA LEU A 245 -10.64 -2.59 -1.18
C LEU A 245 -11.97 -2.98 -1.81
N LEU A 246 -11.93 -3.97 -2.70
CA LEU A 246 -13.12 -4.45 -3.37
C LEU A 246 -13.63 -5.69 -2.65
N PHE A 247 -14.86 -5.64 -2.17
CA PHE A 247 -15.44 -6.78 -1.46
C PHE A 247 -15.36 -8.03 -2.33
N ARG A 248 -14.78 -9.08 -1.77
CA ARG A 248 -14.64 -10.36 -2.47
C ARG A 248 -14.90 -11.45 -1.45
N CYS A 249 -14.22 -11.31 -0.31
CA CYS A 249 -14.36 -12.25 0.79
C CYS A 249 -15.34 -11.67 1.80
N VAL A 250 -15.30 -12.19 3.02
CA VAL A 250 -16.17 -11.72 4.10
C VAL A 250 -15.42 -11.91 5.42
N ALA A 251 -14.47 -12.84 5.39
CA ALA A 251 -13.66 -13.15 6.57
C ALA A 251 -14.53 -13.56 7.74
N GLU B 3 -19.00 -14.82 0.24
CA GLU B 3 -19.40 -14.98 1.67
C GLU B 3 -18.46 -15.90 2.45
N THR B 4 -18.07 -15.45 3.65
CA THR B 4 -17.17 -16.21 4.51
C THR B 4 -15.84 -16.53 3.84
N CYS B 5 -14.76 -16.02 4.42
CA CYS B 5 -13.42 -16.23 3.89
C CYS B 5 -13.00 -17.70 3.90
N ALA B 6 -12.68 -18.21 2.71
CA ALA B 6 -12.24 -19.59 2.58
C ALA B 6 -10.97 -19.79 3.41
N ILE B 7 -10.87 -20.96 4.03
CA ILE B 7 -9.70 -21.29 4.84
C ILE B 7 -8.52 -21.55 3.92
N PRO B 8 -7.41 -20.83 4.13
CA PRO B 8 -6.22 -21.02 3.29
C PRO B 8 -5.41 -22.24 3.66
N ALA B 9 -4.64 -22.75 2.70
CA ALA B 9 -3.80 -23.91 2.92
C ALA B 9 -2.49 -23.43 3.52
N PRO B 10 -1.77 -24.31 4.22
CA PRO B 10 -0.48 -23.93 4.83
C PRO B 10 0.50 -23.41 3.79
N PHE B 11 1.07 -22.24 4.03
CA PHE B 11 2.02 -21.66 3.10
C PHE B 11 3.44 -21.62 3.66
N THR B 12 4.43 -21.62 2.78
CA THR B 12 5.83 -21.59 3.19
C THR B 12 6.50 -20.27 2.81
N ARG B 13 7.08 -19.62 3.81
CA ARG B 13 7.79 -18.36 3.61
C ARG B 13 8.94 -18.32 4.60
N ARG B 14 9.84 -17.36 4.42
CA ARG B 14 10.97 -17.23 5.33
C ARG B 14 10.70 -16.06 6.27
N ILE B 15 11.58 -15.86 7.25
CA ILE B 15 11.39 -14.77 8.19
C ILE B 15 12.58 -13.82 8.17
N VAL B 16 12.38 -12.63 7.60
CA VAL B 16 13.44 -11.63 7.51
C VAL B 16 13.28 -10.68 8.69
N GLY B 17 14.38 -10.38 9.37
CA GLY B 17 14.30 -9.49 10.52
C GLY B 17 15.43 -8.47 10.61
N ARG B 18 15.93 -8.30 11.82
CA ARG B 18 17.00 -7.36 12.10
C ARG B 18 18.15 -7.42 11.09
N ASP B 19 18.59 -6.25 10.64
CA ASP B 19 19.69 -6.11 9.69
C ASP B 19 19.56 -6.97 8.43
N GLY B 20 18.37 -7.48 8.18
CA GLY B 20 18.14 -8.29 6.99
C GLY B 20 18.46 -9.77 7.08
N LEU B 21 18.83 -10.25 8.27
CA LEU B 21 19.16 -11.66 8.44
C LEU B 21 17.89 -12.51 8.53
N CYS B 22 18.00 -13.79 8.22
CA CYS B 22 16.86 -14.69 8.26
C CYS B 22 16.85 -15.61 9.47
N VAL B 23 15.64 -16.01 9.87
CA VAL B 23 15.46 -16.90 11.01
C VAL B 23 15.59 -18.34 10.53
N ASP B 24 16.54 -19.07 11.12
CA ASP B 24 16.76 -20.46 10.75
C ASP B 24 17.22 -21.31 11.94
N VAL B 25 16.82 -22.57 11.93
CA VAL B 25 17.17 -23.50 13.00
C VAL B 25 18.66 -23.81 12.95
N ARG B 26 19.32 -23.69 14.09
CA ARG B 26 20.77 -23.94 14.21
C ARG B 26 21.24 -25.21 13.51
N ASN B 27 22.22 -25.05 12.62
CA ASN B 27 22.82 -26.16 11.89
C ASN B 27 21.83 -27.09 11.18
N GLY B 28 20.59 -26.62 11.03
CA GLY B 28 19.58 -27.43 10.36
C GLY B 28 19.24 -28.72 11.08
N TYR B 29 19.41 -28.75 12.38
CA TYR B 29 19.10 -29.93 13.17
C TYR B 29 17.59 -30.00 13.47
N ASP B 30 16.93 -31.03 12.96
CA ASP B 30 15.50 -31.19 13.18
C ASP B 30 15.19 -31.82 14.53
N THR B 31 16.20 -31.95 15.37
CA THR B 31 16.01 -32.55 16.69
C THR B 31 15.35 -31.61 17.69
N ASP B 32 14.36 -32.11 18.41
CA ASP B 32 13.64 -31.33 19.40
C ASP B 32 14.56 -30.54 20.33
N GLY B 33 14.24 -29.27 20.54
CA GLY B 33 15.03 -28.43 21.41
C GLY B 33 16.03 -27.50 20.74
N THR B 34 16.28 -27.71 19.46
CA THR B 34 17.24 -26.88 18.72
C THR B 34 16.82 -25.42 18.71
N PRO B 35 17.70 -24.53 19.17
CA PRO B 35 17.45 -23.08 19.24
C PRO B 35 17.24 -22.42 17.88
N ILE B 36 16.52 -21.30 17.89
CA ILE B 36 16.24 -20.53 16.68
C ILE B 36 17.24 -19.38 16.66
N GLN B 37 17.81 -19.09 15.49
CA GLN B 37 18.80 -18.02 15.38
C GLN B 37 18.76 -17.26 14.06
N LEU B 38 19.59 -16.23 13.95
CA LEU B 38 19.67 -15.41 12.75
C LEU B 38 20.80 -15.93 11.86
N TRP B 39 20.63 -15.77 10.54
CA TRP B 39 21.63 -16.23 9.58
C TRP B 39 21.29 -15.67 8.21
N PRO B 40 22.32 -15.31 7.42
CA PRO B 40 22.08 -14.75 6.09
C PRO B 40 21.00 -15.55 5.36
N CYS B 41 20.17 -14.85 4.59
CA CYS B 41 19.09 -15.50 3.86
C CYS B 41 19.55 -16.33 2.67
N GLY B 42 19.27 -17.63 2.75
CA GLY B 42 19.64 -18.55 1.68
C GLY B 42 18.47 -19.44 1.33
N THR B 43 18.74 -20.57 0.68
CA THR B 43 17.67 -21.49 0.30
C THR B 43 17.48 -22.64 1.28
N GLN B 44 18.54 -22.95 2.04
CA GLN B 44 18.50 -24.04 3.03
C GLN B 44 17.11 -24.30 3.58
N ARG B 45 16.61 -25.51 3.34
CA ARG B 45 15.29 -25.92 3.79
C ARG B 45 14.94 -25.55 5.23
N ASN B 46 15.93 -25.54 6.12
CA ASN B 46 15.69 -25.21 7.52
C ASN B 46 15.35 -23.73 7.73
N GLN B 47 15.53 -22.93 6.69
CA GLN B 47 15.25 -21.50 6.76
C GLN B 47 13.81 -21.24 6.33
N GLN B 48 13.14 -22.29 5.86
CA GLN B 48 11.76 -22.19 5.40
C GLN B 48 10.79 -22.51 6.52
N TRP B 49 9.76 -21.69 6.64
CA TRP B 49 8.74 -21.89 7.67
C TRP B 49 7.35 -21.99 7.06
N THR B 50 6.57 -22.95 7.53
CA THR B 50 5.21 -23.13 7.02
C THR B 50 4.22 -22.70 8.08
N PHE B 51 3.36 -21.75 7.71
CA PHE B 51 2.35 -21.23 8.63
C PHE B 51 1.01 -21.95 8.46
N TYR B 52 0.61 -22.68 9.49
CA TYR B 52 -0.65 -23.41 9.46
C TYR B 52 -1.74 -22.56 10.10
N ASN B 53 -2.99 -22.95 9.92
CA ASN B 53 -4.11 -22.20 10.49
C ASN B 53 -4.23 -22.34 12.00
N ASP B 54 -3.49 -23.29 12.56
CA ASP B 54 -3.51 -23.52 14.00
C ASP B 54 -2.65 -22.49 14.72
N LYS B 55 -2.34 -21.39 14.02
CA LYS B 55 -1.53 -20.32 14.59
C LYS B 55 -0.10 -20.77 14.87
N THR B 56 0.28 -21.92 14.33
CA THR B 56 1.62 -22.46 14.54
C THR B 56 2.48 -22.42 13.28
N ILE B 57 3.76 -22.09 13.47
CA ILE B 57 4.72 -22.04 12.37
C ILE B 57 5.70 -23.16 12.64
N ARG B 58 6.04 -23.95 11.61
CA ARG B 58 6.96 -25.04 11.81
C ARG B 58 7.90 -25.31 10.64
N SER B 59 9.13 -25.68 10.97
CA SER B 59 10.13 -25.99 9.96
C SER B 59 10.47 -27.48 10.08
N MET B 60 10.63 -28.14 8.95
CA MET B 60 10.94 -29.57 8.94
C MET B 60 9.97 -30.36 9.81
N GLY B 61 8.73 -29.88 9.91
CA GLY B 61 7.72 -30.57 10.69
C GLY B 61 7.58 -30.16 12.15
N LYS B 62 8.67 -29.67 12.75
CA LYS B 62 8.64 -29.26 14.14
C LYS B 62 8.14 -27.83 14.35
N CYS B 63 7.29 -27.65 15.35
CA CYS B 63 6.71 -26.35 15.65
C CYS B 63 7.69 -25.37 16.29
N MET B 64 7.47 -24.08 16.01
CA MET B 64 8.32 -23.04 16.58
C MET B 64 7.78 -22.87 17.99
N THR B 65 8.59 -23.19 18.99
CA THR B 65 8.16 -23.10 20.38
C THR B 65 8.97 -22.17 21.27
N ALA B 66 8.28 -21.54 22.21
CA ALA B 66 8.90 -20.64 23.16
C ALA B 66 9.35 -21.48 24.34
N ASN B 67 10.66 -21.67 24.46
CA ASN B 67 11.25 -22.46 25.54
C ASN B 67 10.52 -22.15 26.85
N GLY B 68 10.28 -20.87 27.10
CA GLY B 68 9.59 -20.45 28.30
C GLY B 68 8.62 -19.35 27.92
N LEU B 69 7.70 -19.01 28.82
CA LEU B 69 6.73 -17.96 28.52
C LEU B 69 6.97 -16.65 29.27
N ASN B 70 8.23 -16.31 29.52
CA ASN B 70 8.57 -15.07 30.21
C ASN B 70 9.75 -14.38 29.54
N SER B 71 9.87 -13.08 29.77
CA SER B 71 10.94 -12.27 29.19
C SER B 71 12.31 -12.94 29.30
N GLY B 72 12.95 -13.15 28.15
CA GLY B 72 14.26 -13.77 28.14
C GLY B 72 14.31 -15.20 27.61
N SER B 73 13.18 -15.89 27.65
CA SER B 73 13.13 -17.27 27.18
C SER B 73 13.48 -17.38 25.70
N TYR B 74 14.35 -18.31 25.35
CA TYR B 74 14.75 -18.49 23.96
C TYR B 74 13.74 -19.29 23.14
N ILE B 75 13.80 -19.13 21.82
CA ILE B 75 12.91 -19.83 20.92
C ILE B 75 13.65 -21.01 20.29
N MET B 76 12.92 -22.09 20.04
CA MET B 76 13.51 -23.28 19.44
C MET B 76 12.42 -24.13 18.81
N ILE B 77 12.81 -25.21 18.14
CA ILE B 77 11.84 -26.09 17.51
C ILE B 77 11.60 -27.33 18.38
N THR B 78 10.50 -28.03 18.12
CA THR B 78 10.17 -29.24 18.88
C THR B 78 8.89 -29.86 18.33
N ASP B 79 8.53 -31.03 18.86
CA ASP B 79 7.33 -31.74 18.43
C ASP B 79 6.07 -30.98 18.85
N CYS B 80 5.18 -30.76 17.89
CA CYS B 80 3.92 -30.05 18.16
C CYS B 80 3.00 -30.83 19.09
N SER B 81 2.95 -32.14 18.90
CA SER B 81 2.10 -33.01 19.71
C SER B 81 2.44 -33.03 21.20
N THR B 82 3.70 -32.74 21.53
CA THR B 82 4.13 -32.74 22.93
C THR B 82 4.47 -31.35 23.47
N ALA B 83 4.48 -30.35 22.59
CA ALA B 83 4.79 -28.99 22.99
C ALA B 83 3.65 -28.36 23.79
N ALA B 84 3.91 -27.20 24.39
CA ALA B 84 2.88 -26.50 25.17
C ALA B 84 1.97 -25.70 24.24
N GLU B 85 0.66 -25.83 24.44
CA GLU B 85 -0.32 -25.12 23.63
C GLU B 85 -0.41 -23.63 23.92
N ASP B 86 0.70 -22.93 23.66
CA ASP B 86 0.80 -21.50 23.88
C ASP B 86 2.22 -21.08 23.49
N ALA B 87 3.15 -22.00 23.69
CA ALA B 87 4.54 -21.76 23.34
C ALA B 87 4.68 -22.14 21.86
N THR B 88 3.56 -22.47 21.25
CA THR B 88 3.54 -22.88 19.84
C THR B 88 2.61 -22.00 19.02
N LYS B 89 1.90 -21.09 19.68
CA LYS B 89 0.98 -20.18 19.01
C LYS B 89 1.61 -18.82 18.79
N TRP B 90 1.62 -18.37 17.53
CA TRP B 90 2.20 -17.09 17.17
C TRP B 90 1.29 -16.24 16.28
N GLU B 91 1.49 -14.93 16.32
CA GLU B 91 0.71 -14.00 15.53
C GLU B 91 1.63 -13.05 14.79
N VAL B 92 1.36 -12.85 13.49
CA VAL B 92 2.16 -11.96 12.66
C VAL B 92 1.33 -10.73 12.29
N LEU B 93 1.66 -9.59 12.89
CA LEU B 93 0.95 -8.35 12.64
C LEU B 93 1.65 -7.45 11.60
N ILE B 94 0.86 -6.62 10.93
CA ILE B 94 1.34 -5.72 9.90
C ILE B 94 2.41 -4.74 10.38
N ASP B 95 2.30 -4.32 11.65
CA ASP B 95 3.28 -3.40 12.22
C ASP B 95 4.65 -4.06 12.25
N GLY B 96 4.69 -5.33 11.84
CA GLY B 96 5.93 -6.07 11.82
C GLY B 96 6.19 -6.74 13.16
N SER B 97 5.11 -7.00 13.89
CA SER B 97 5.22 -7.62 15.20
C SER B 97 4.80 -9.09 15.25
N ILE B 98 5.73 -9.95 15.63
CA ILE B 98 5.46 -11.38 15.77
C ILE B 98 5.30 -11.59 17.27
N ILE B 99 4.06 -11.82 17.71
CA ILE B 99 3.78 -11.98 19.12
C ILE B 99 3.11 -13.29 19.52
N ASN B 100 3.31 -13.66 20.79
CA ASN B 100 2.73 -14.86 21.35
C ASN B 100 1.50 -14.41 22.15
N PRO B 101 0.29 -14.71 21.65
CA PRO B 101 -0.98 -14.34 22.27
C PRO B 101 -1.07 -14.43 23.80
N SER B 102 -0.80 -15.62 24.34
CA SER B 102 -0.88 -15.86 25.78
C SER B 102 -0.04 -14.94 26.66
N SER B 103 1.28 -15.00 26.53
CA SER B 103 2.18 -14.19 27.33
C SER B 103 2.23 -12.72 26.93
N GLY B 104 2.03 -12.44 25.65
CA GLY B 104 2.08 -11.06 25.19
C GLY B 104 3.49 -10.62 24.85
N LEU B 105 4.44 -11.53 25.01
CA LEU B 105 5.84 -11.24 24.72
C LEU B 105 6.04 -11.39 23.22
N VAL B 106 6.97 -10.62 22.65
CA VAL B 106 7.23 -10.69 21.22
C VAL B 106 8.65 -11.15 20.87
N MET B 107 8.77 -11.84 19.73
CA MET B 107 10.06 -12.34 19.27
C MET B 107 11.04 -11.16 19.23
N THR B 108 12.28 -11.41 19.66
CA THR B 108 13.28 -10.34 19.69
C THR B 108 14.66 -10.79 19.19
N ALA B 109 15.40 -9.83 18.66
CA ALA B 109 16.75 -10.09 18.15
C ALA B 109 17.72 -9.13 18.83
N PRO B 110 18.26 -9.52 20.00
CA PRO B 110 19.21 -8.71 20.76
C PRO B 110 20.27 -8.00 19.93
N SER B 111 20.72 -8.64 18.86
CA SER B 111 21.74 -8.07 18.00
C SER B 111 21.56 -8.51 16.55
N GLY B 112 22.24 -7.84 15.63
CA GLY B 112 22.11 -8.19 14.23
C GLY B 112 23.21 -9.11 13.73
N ALA B 113 23.96 -9.68 14.66
CA ALA B 113 25.06 -10.59 14.31
C ALA B 113 24.53 -12.00 14.10
N SER B 114 24.74 -12.53 12.90
CA SER B 114 24.28 -13.89 12.59
C SER B 114 24.75 -14.84 13.68
N ARG B 115 23.88 -15.80 14.02
CA ARG B 115 24.14 -16.80 15.05
C ARG B 115 23.37 -16.41 16.31
N THR B 116 22.95 -15.16 16.37
CA THR B 116 22.19 -14.63 17.50
C THR B 116 20.92 -15.45 17.73
N THR B 117 20.77 -15.96 18.94
CA THR B 117 19.60 -16.75 19.29
C THR B 117 18.41 -15.81 19.57
N LEU B 118 17.29 -16.10 18.94
CA LEU B 118 16.09 -15.28 19.12
C LEU B 118 15.40 -15.64 20.43
N LEU B 119 14.75 -14.66 21.05
CA LEU B 119 14.06 -14.89 22.31
C LEU B 119 12.69 -14.22 22.38
N LEU B 120 11.99 -14.48 23.48
CA LEU B 120 10.68 -13.91 23.73
C LEU B 120 10.95 -12.79 24.71
N GLU B 121 10.46 -11.59 24.41
CA GLU B 121 10.71 -10.45 25.29
C GLU B 121 9.50 -9.56 25.45
N ASN B 122 9.60 -8.58 26.34
CA ASN B 122 8.51 -7.65 26.57
C ASN B 122 8.44 -6.71 25.37
N ASN B 123 7.24 -6.50 24.87
CA ASN B 123 7.04 -5.65 23.70
C ASN B 123 7.36 -4.18 23.96
N ILE B 124 8.54 -3.74 23.55
CA ILE B 124 8.94 -2.35 23.70
C ILE B 124 9.05 -1.71 22.33
N HIS B 125 8.51 -2.41 21.33
CA HIS B 125 8.50 -1.96 19.94
C HIS B 125 9.84 -1.58 19.32
N ALA B 126 10.95 -2.03 19.92
CA ALA B 126 12.26 -1.72 19.37
C ALA B 126 12.36 -2.27 17.95
N ALA B 127 13.36 -1.83 17.20
CA ALA B 127 13.54 -2.30 15.83
C ALA B 127 14.08 -3.73 15.85
N SER B 128 14.48 -4.19 17.03
CA SER B 128 15.00 -5.55 17.19
C SER B 128 13.83 -6.51 17.25
N GLN B 129 12.62 -5.96 17.34
CA GLN B 129 11.40 -6.74 17.40
C GLN B 129 10.61 -6.55 16.11
N GLY B 130 11.29 -6.07 15.08
CA GLY B 130 10.64 -5.85 13.80
C GLY B 130 10.96 -6.96 12.83
N TRP B 131 9.93 -7.67 12.40
CA TRP B 131 10.11 -8.77 11.46
C TRP B 131 9.15 -8.68 10.28
N THR B 132 9.56 -9.30 9.17
CA THR B 132 8.76 -9.33 7.96
C THR B 132 8.90 -10.73 7.35
N VAL B 133 7.80 -11.47 7.29
CA VAL B 133 7.82 -12.82 6.73
C VAL B 133 7.33 -12.80 5.30
N SER B 134 8.22 -13.18 4.38
CA SER B 134 7.90 -13.21 2.97
C SER B 134 8.99 -13.98 2.23
N ASN B 135 8.70 -14.36 0.98
CA ASN B 135 9.68 -15.10 0.19
C ASN B 135 10.66 -14.14 -0.46
N ASP B 136 10.24 -12.88 -0.59
CA ASP B 136 11.09 -11.84 -1.15
C ASP B 136 11.88 -11.30 0.04
N VAL B 137 13.15 -11.67 0.13
CA VAL B 137 14.00 -11.27 1.25
C VAL B 137 14.76 -9.96 1.09
N GLN B 138 14.55 -9.26 -0.02
CA GLN B 138 15.25 -8.01 -0.24
C GLN B 138 14.46 -6.80 0.23
N PRO B 139 15.16 -5.70 0.55
CA PRO B 139 14.52 -4.47 1.01
C PRO B 139 14.03 -3.66 -0.18
N ILE B 140 12.90 -2.99 -0.02
CA ILE B 140 12.35 -2.18 -1.10
C ILE B 140 13.01 -0.80 -1.17
N ALA B 141 13.70 -0.53 -2.28
CA ALA B 141 14.36 0.75 -2.46
C ALA B 141 13.29 1.71 -2.98
N THR B 142 13.19 2.87 -2.36
CA THR B 142 12.18 3.85 -2.77
C THR B 142 12.50 5.32 -2.53
N LEU B 143 11.61 6.15 -3.05
CA LEU B 143 11.70 7.60 -2.92
C LEU B 143 10.64 7.94 -1.88
N ILE B 144 11.02 8.67 -0.84
CA ILE B 144 10.04 9.04 0.18
C ILE B 144 9.51 10.45 -0.08
N VAL B 145 8.41 10.51 -0.83
CA VAL B 145 7.78 11.78 -1.17
C VAL B 145 6.82 12.25 -0.08
N GLY B 146 6.75 13.56 0.12
CA GLY B 146 5.87 14.10 1.14
C GLY B 146 5.34 15.51 0.92
N TYR B 147 4.69 16.02 1.95
CA TYR B 147 4.10 17.36 2.00
C TYR B 147 3.94 18.15 0.70
N ASN B 148 4.96 18.92 0.32
CA ASN B 148 4.88 19.77 -0.85
C ASN B 148 5.46 19.21 -2.14
N GLU B 149 5.37 17.89 -2.33
CA GLU B 149 5.90 17.25 -3.52
C GLU B 149 7.41 17.23 -3.47
N MET B 150 7.96 17.42 -2.27
CA MET B 150 9.39 17.38 -2.06
C MET B 150 9.72 16.01 -1.52
N CYS B 151 11.00 15.65 -1.47
CA CYS B 151 11.39 14.34 -0.98
C CYS B 151 12.26 14.39 0.26
N LEU B 152 12.27 13.30 1.01
CA LEU B 152 13.08 13.20 2.21
C LEU B 152 14.51 13.01 1.71
N GLN B 153 15.38 13.96 2.03
CA GLN B 153 16.76 13.88 1.58
C GLN B 153 17.79 13.85 2.69
N ALA B 154 18.64 12.82 2.68
CA ALA B 154 19.70 12.69 3.66
C ALA B 154 20.81 13.59 3.13
N ASN B 155 21.30 14.50 3.95
CA ASN B 155 22.34 15.41 3.49
C ASN B 155 23.58 15.48 4.35
N GLY B 156 24.67 15.94 3.73
CA GLY B 156 25.93 16.09 4.43
C GLY B 156 26.56 14.78 4.87
N GLU B 157 26.84 14.70 6.17
CA GLU B 157 27.45 13.53 6.76
C GLU B 157 26.37 12.55 7.22
N ASN B 158 25.40 12.31 6.34
CA ASN B 158 24.30 11.40 6.64
C ASN B 158 23.96 11.37 8.13
N ASN B 159 23.55 12.52 8.65
CA ASN B 159 23.19 12.65 10.04
C ASN B 159 21.99 13.58 10.14
N ASN B 160 21.55 14.08 9.00
CA ASN B 160 20.41 15.00 8.94
C ASN B 160 19.51 14.69 7.74
N VAL B 161 18.22 14.97 7.89
CA VAL B 161 17.27 14.73 6.82
C VAL B 161 16.38 15.95 6.59
N TRP B 162 16.55 16.59 5.44
CA TRP B 162 15.76 17.77 5.10
C TRP B 162 14.79 17.44 3.97
N MET B 163 13.88 18.36 3.68
CA MET B 163 12.93 18.17 2.60
C MET B 163 13.35 19.06 1.43
N GLU B 164 13.66 18.44 0.30
CA GLU B 164 14.09 19.18 -0.88
C GLU B 164 13.44 18.64 -2.16
N ASP B 165 13.41 19.48 -3.20
CA ASP B 165 12.81 19.11 -4.47
C ASP B 165 13.26 17.74 -4.94
N CYS B 166 12.29 16.88 -5.22
CA CYS B 166 12.54 15.51 -5.66
C CYS B 166 13.33 15.32 -6.94
N ASP B 167 14.44 14.59 -6.83
CA ASP B 167 15.29 14.26 -7.97
C ASP B 167 15.62 12.78 -7.84
N VAL B 168 14.87 11.95 -8.55
CA VAL B 168 15.05 10.50 -8.52
C VAL B 168 16.49 10.02 -8.57
N THR B 169 17.30 10.62 -9.43
CA THR B 169 18.69 10.23 -9.58
C THR B 169 19.61 10.61 -8.42
N SER B 170 19.14 11.47 -7.51
CA SER B 170 19.94 11.88 -6.37
C SER B 170 20.07 10.74 -5.36
N VAL B 171 21.26 10.16 -5.28
CA VAL B 171 21.51 9.05 -4.38
C VAL B 171 21.10 9.36 -2.94
N GLN B 172 21.12 10.63 -2.55
CA GLN B 172 20.76 11.02 -1.20
C GLN B 172 19.26 11.06 -0.97
N GLN B 173 18.50 10.64 -1.98
CA GLN B 173 17.05 10.62 -1.89
C GLN B 173 16.52 9.20 -2.06
N GLN B 174 17.42 8.23 -1.99
CA GLN B 174 17.05 6.83 -2.14
C GLN B 174 17.11 6.09 -0.81
N TRP B 175 15.99 5.52 -0.40
CA TRP B 175 15.91 4.81 0.87
C TRP B 175 15.57 3.33 0.70
N ALA B 176 16.04 2.51 1.64
CA ALA B 176 15.79 1.09 1.60
C ALA B 176 14.88 0.69 2.76
N LEU B 177 13.65 0.32 2.44
CA LEU B 177 12.69 -0.07 3.46
C LEU B 177 12.99 -1.49 3.93
N PHE B 178 13.88 -1.59 4.90
CA PHE B 178 14.28 -2.89 5.46
C PHE B 178 13.13 -3.67 6.07
N ASP B 179 13.26 -4.99 6.09
CA ASP B 179 12.25 -5.87 6.62
C ASP B 179 12.17 -5.88 8.14
N ASP B 180 13.17 -5.32 8.81
CA ASP B 180 13.16 -5.26 10.26
C ASP B 180 12.42 -4.00 10.72
N ARG B 181 11.74 -3.39 9.75
CA ARG B 181 10.94 -2.19 9.97
C ARG B 181 11.73 -0.90 10.17
N THR B 182 12.99 -0.90 9.75
CA THR B 182 13.82 0.29 9.86
C THR B 182 14.04 0.87 8.46
N ILE B 183 14.27 2.17 8.39
CA ILE B 183 14.50 2.83 7.10
C ILE B 183 15.97 3.25 7.05
N ARG B 184 16.68 2.80 6.02
CA ARG B 184 18.10 3.11 5.89
C ARG B 184 18.51 3.75 4.57
N VAL B 185 19.71 4.32 4.56
CA VAL B 185 20.25 4.95 3.37
C VAL B 185 20.62 3.83 2.41
N ASN B 186 20.01 3.84 1.23
CA ASN B 186 20.27 2.83 0.22
C ASN B 186 21.73 2.43 0.08
N ASN B 187 22.60 3.40 -0.17
CA ASN B 187 24.02 3.10 -0.33
C ASN B 187 24.79 3.35 0.96
N SER B 188 24.15 3.01 2.08
CA SER B 188 24.73 3.17 3.40
C SER B 188 23.72 2.57 4.35
N ARG B 189 23.36 1.31 4.09
CA ARG B 189 22.36 0.58 4.86
C ARG B 189 22.74 0.33 6.31
N GLY B 190 23.72 1.07 6.82
CA GLY B 190 24.11 0.93 8.21
C GLY B 190 23.52 2.09 8.98
N LEU B 191 23.03 3.07 8.22
CA LEU B 191 22.42 4.27 8.78
C LEU B 191 20.90 4.15 8.76
N CYS B 192 20.27 4.40 9.89
CA CYS B 192 18.82 4.31 9.98
C CYS B 192 18.19 5.66 10.30
N VAL B 193 17.05 5.94 9.68
CA VAL B 193 16.35 7.19 9.95
C VAL B 193 15.98 7.09 11.43
N THR B 194 16.48 8.01 12.24
CA THR B 194 16.20 7.96 13.66
C THR B 194 15.60 9.23 14.24
N SER B 195 14.81 9.04 15.30
CA SER B 195 14.16 10.14 16.00
C SER B 195 14.99 10.46 17.24
N ASN B 196 15.11 11.74 17.57
CA ASN B 196 15.89 12.16 18.73
C ASN B 196 15.17 11.93 20.06
N GLY B 197 13.91 11.50 19.99
CA GLY B 197 13.16 11.25 21.21
C GLY B 197 11.74 10.78 20.95
N TYR B 198 10.97 10.61 22.03
CA TYR B 198 9.59 10.16 21.91
C TYR B 198 8.59 11.27 22.24
N VAL B 199 9.03 12.52 22.15
CA VAL B 199 8.14 13.65 22.44
C VAL B 199 7.88 14.50 21.21
N SER B 200 6.71 15.13 21.18
CA SER B 200 6.34 15.99 20.06
C SER B 200 7.43 17.04 19.81
N LYS B 201 7.65 17.35 18.54
CA LYS B 201 8.66 18.34 18.13
C LYS B 201 10.07 17.79 18.17
N ASP B 202 10.22 16.55 18.63
CA ASP B 202 11.54 15.93 18.68
C ASP B 202 12.05 15.81 17.26
N LEU B 203 13.27 16.27 17.02
CA LEU B 203 13.86 16.22 15.69
C LEU B 203 14.08 14.81 15.15
N ILE B 204 14.38 14.73 13.85
CA ILE B 204 14.63 13.47 13.18
C ILE B 204 15.96 13.56 12.43
N VAL B 205 16.89 12.69 12.77
CA VAL B 205 18.21 12.70 12.13
C VAL B 205 18.57 11.31 11.62
N ILE B 206 19.87 11.09 11.38
CA ILE B 206 20.35 9.81 10.89
C ILE B 206 21.40 9.23 11.84
N ARG B 207 21.03 8.17 12.55
CA ARG B 207 21.93 7.52 13.49
C ARG B 207 22.35 6.16 12.98
N LYS B 208 23.25 5.51 13.71
CA LYS B 208 23.72 4.18 13.35
C LYS B 208 22.58 3.21 13.67
N CYS B 209 22.42 2.17 12.85
CA CYS B 209 21.35 1.20 13.08
C CYS B 209 21.66 0.30 14.27
N GLN B 210 20.81 0.38 15.30
CA GLN B 210 21.00 -0.44 16.49
C GLN B 210 19.71 -1.10 16.97
N GLY B 211 18.67 -1.04 16.15
CA GLY B 211 17.41 -1.66 16.54
C GLY B 211 16.76 -1.03 17.76
N LEU B 212 16.90 0.29 17.90
CA LEU B 212 16.31 1.01 19.02
C LEU B 212 14.84 1.32 18.73
N ALA B 213 14.09 1.68 19.77
CA ALA B 213 12.69 2.00 19.60
C ALA B 213 12.56 3.32 18.83
N THR B 214 13.64 4.08 18.82
CA THR B 214 13.67 5.37 18.14
C THR B 214 13.87 5.23 16.64
N GLN B 215 14.23 4.02 16.20
CA GLN B 215 14.46 3.77 14.79
C GLN B 215 13.47 2.80 14.16
N ARG B 216 12.41 2.46 14.90
CA ARG B 216 11.39 1.54 14.39
C ARG B 216 10.21 2.34 13.85
N TRP B 217 9.99 2.25 12.53
CA TRP B 217 8.90 2.98 11.90
C TRP B 217 7.85 2.04 11.31
N PHE B 218 6.60 2.52 11.28
CA PHE B 218 5.49 1.75 10.75
C PHE B 218 4.70 2.58 9.75
N PHE B 219 4.69 2.14 8.49
CA PHE B 219 3.97 2.86 7.44
C PHE B 219 2.48 2.53 7.48
N ASN B 220 1.72 3.35 8.18
CA ASN B 220 0.29 3.15 8.30
C ASN B 220 -0.43 3.36 6.97
N SER B 221 -1.45 2.55 6.72
CA SER B 221 -2.22 2.63 5.48
C SER B 221 -2.90 3.97 5.26
N ASP B 222 -3.02 4.79 6.30
CA ASP B 222 -3.67 6.09 6.16
C ASP B 222 -2.75 7.12 5.52
N GLY B 223 -1.53 6.69 5.20
CA GLY B 223 -0.58 7.58 4.57
C GLY B 223 0.48 8.10 5.51
N SER B 224 0.27 7.93 6.81
CA SER B 224 1.22 8.39 7.81
C SER B 224 2.27 7.34 8.17
N VAL B 225 3.37 7.81 8.75
CA VAL B 225 4.46 6.94 9.18
C VAL B 225 4.56 7.13 10.69
N VAL B 226 4.34 6.07 11.46
CA VAL B 226 4.36 6.16 12.91
C VAL B 226 5.55 5.55 13.62
N ASN B 227 5.81 6.05 14.82
CA ASN B 227 6.88 5.57 15.68
C ASN B 227 6.17 4.76 16.76
N LEU B 228 5.91 3.49 16.44
CA LEU B 228 5.20 2.58 17.34
C LEU B 228 5.31 2.85 18.84
N LYS B 229 6.52 3.08 19.32
CA LYS B 229 6.72 3.33 20.75
C LYS B 229 6.06 4.62 21.26
N SER B 230 6.18 5.69 20.49
CA SER B 230 5.61 6.98 20.88
C SER B 230 4.26 7.30 20.24
N THR B 231 3.85 6.48 19.28
CA THR B 231 2.58 6.68 18.59
C THR B 231 2.57 8.02 17.87
N ARG B 232 3.73 8.67 17.82
CA ARG B 232 3.89 9.95 17.16
C ARG B 232 4.24 9.69 15.69
N VAL B 233 3.87 10.60 14.81
CA VAL B 233 4.13 10.42 13.39
C VAL B 233 5.15 11.43 12.84
N MET B 234 5.62 11.18 11.63
CA MET B 234 6.59 12.08 10.99
C MET B 234 5.87 13.33 10.51
N ASP B 235 6.42 14.48 10.88
CA ASP B 235 5.82 15.77 10.52
C ASP B 235 6.87 16.70 9.92
N VAL B 236 6.46 17.47 8.93
CA VAL B 236 7.35 18.42 8.28
C VAL B 236 7.11 19.84 8.78
N LYS B 237 8.11 20.42 9.42
CA LYS B 237 7.98 21.77 9.96
C LYS B 237 7.65 22.76 8.83
N GLU B 238 6.38 23.16 8.78
CA GLU B 238 5.90 24.09 7.77
C GLU B 238 6.65 25.43 7.81
N SER B 239 6.85 25.93 9.02
CA SER B 239 7.53 27.21 9.24
C SER B 239 8.78 27.46 8.40
N ASP B 240 9.53 26.40 8.11
CA ASP B 240 10.76 26.54 7.32
C ASP B 240 10.54 26.90 5.86
N VAL B 241 11.36 27.82 5.35
CA VAL B 241 11.27 28.23 3.96
C VAL B 241 11.90 27.14 3.11
N SER B 242 13.18 26.87 3.34
CA SER B 242 13.89 25.83 2.61
C SER B 242 14.39 24.79 3.62
N LEU B 243 14.94 23.69 3.11
CA LEU B 243 15.45 22.62 3.95
C LEU B 243 14.61 22.38 5.21
N GLN B 244 13.29 22.51 5.08
CA GLN B 244 12.40 22.30 6.22
C GLN B 244 12.72 20.95 6.86
N GLU B 245 12.85 20.94 8.18
CA GLU B 245 13.16 19.71 8.89
C GLU B 245 11.93 18.88 9.21
N VAL B 246 12.15 17.62 9.55
CA VAL B 246 11.07 16.72 9.91
C VAL B 246 11.19 16.39 11.39
N ILE B 247 10.05 16.24 12.05
CA ILE B 247 10.01 15.93 13.47
C ILE B 247 8.87 14.97 13.73
N ILE B 248 8.75 14.49 14.97
CA ILE B 248 7.66 13.59 15.32
C ILE B 248 6.61 14.43 16.03
N PHE B 249 5.39 14.40 15.51
CA PHE B 249 4.30 15.18 16.07
C PHE B 249 3.01 14.37 16.13
N PRO B 250 2.18 14.61 17.16
CA PRO B 250 0.93 13.86 17.28
C PRO B 250 0.13 13.92 15.98
N ALA B 251 -0.49 12.81 15.62
CA ALA B 251 -1.28 12.74 14.39
C ALA B 251 -2.34 13.84 14.37
N THR B 252 -2.51 14.46 13.21
CA THR B 252 -3.48 15.54 13.05
C THR B 252 -4.31 15.35 11.78
N GLY B 253 -3.72 14.71 10.78
CA GLY B 253 -4.42 14.48 9.52
C GLY B 253 -3.97 15.44 8.43
N ASN B 254 -3.29 16.51 8.84
CA ASN B 254 -2.81 17.52 7.89
C ASN B 254 -1.89 16.90 6.84
N PRO B 255 -1.75 17.57 5.69
CA PRO B 255 -0.90 17.11 4.58
C PRO B 255 0.56 16.82 4.89
N ASN B 256 1.21 17.70 5.65
CA ASN B 256 2.61 17.52 6.00
C ASN B 256 2.88 16.28 6.86
N GLN B 257 1.87 15.44 7.00
CA GLN B 257 1.98 14.20 7.77
C GLN B 257 1.58 13.05 6.83
N GLN B 258 1.63 13.35 5.53
CA GLN B 258 1.30 12.39 4.48
C GLN B 258 2.59 11.99 3.80
N TRP B 259 2.75 10.70 3.52
CA TRP B 259 3.96 10.21 2.87
C TRP B 259 3.65 9.12 1.87
N ARG B 260 4.19 9.25 0.66
CA ARG B 260 3.98 8.27 -0.39
C ARG B 260 5.30 7.64 -0.81
N THR B 261 5.41 6.33 -0.63
CA THR B 261 6.63 5.62 -0.99
C THR B 261 6.63 5.25 -2.47
N GLN B 262 7.31 6.07 -3.28
CA GLN B 262 7.39 5.82 -4.72
C GLN B 262 8.59 4.95 -5.04
N VAL B 263 8.35 3.66 -5.22
CA VAL B 263 9.41 2.73 -5.53
C VAL B 263 10.07 3.04 -6.87
N PRO B 264 11.38 3.29 -6.88
CA PRO B 264 12.08 3.60 -8.13
C PRO B 264 12.52 2.31 -8.81
N GLN B 265 12.81 1.28 -8.02
CA GLN B 265 13.23 -0.01 -8.55
C GLN B 265 12.31 -1.15 -8.12
N ILE B 266 11.93 -1.16 -6.85
CA ILE B 266 11.05 -2.16 -6.25
C ILE B 266 11.63 -2.77 -4.97
#